data_5DZH
#
_entry.id   5DZH
#
_cell.length_a   54.574
_cell.length_b   81.954
_cell.length_c   58.053
_cell.angle_alpha   90.000
_cell.angle_beta   111.000
_cell.angle_gamma   90.000
#
_symmetry.space_group_name_H-M   'P 1 21 1'
#
loop_
_entity.id
_entity.type
_entity.pdbx_description
1 polymer 'Estrogen receptor'
2 polymer 'Nuclear receptor coactivator 2'
3 non-polymer "4,4'-{[4-(2-hydroxyethyl)cyclohexylidene]methanediyl}diphenol"
4 water water
#
loop_
_entity_poly.entity_id
_entity_poly.type
_entity_poly.pdbx_seq_one_letter_code
_entity_poly.pdbx_strand_id
1 'polypeptide(L)'
;IKRSKKNSLALSLTADQMVSALLDAEPPILYSEYDPTRPFSEASMMGLLTNLADRELVHMINWAKRVPGFVDLTLHDQVH
LLECAWLEILMIGLVWRSMEHPGKLLFAPNLLLDRNQGKCVEGMVEIFDMLLATSSRFRMMNLQGEEFVCLKSIILLNSG
VYTFLSSTLKSLEEKDHIHRVLDKITDTLIHLMAKAGLTLQQQHQRLAQLLLILSHIRHMSNKGMEHLYSMKCKNVVPLS
DLLLEMLDAHRLHAPTS
;
A,B
2 'polypeptide(L)' KHKILHRLLQDSSS C,D
#
# COMPACT_ATOMS: atom_id res chain seq x y z
N ASN A 7 -7.65 28.89 6.01
CA ASN A 7 -8.55 27.99 6.72
C ASN A 7 -9.52 27.29 5.78
N SER A 8 -9.80 26.02 6.05
CA SER A 8 -10.66 25.21 5.18
C SER A 8 -12.03 24.95 5.78
N LEU A 9 -13.03 24.79 4.91
CA LEU A 9 -14.40 24.53 5.33
C LEU A 9 -14.59 23.07 5.73
N ALA A 10 -13.74 22.20 5.19
CA ALA A 10 -13.84 20.76 5.40
C ALA A 10 -13.81 20.38 6.88
N LEU A 11 -13.03 21.12 7.67
CA LEU A 11 -12.88 20.81 9.08
C LEU A 11 -14.10 21.19 9.90
N SER A 12 -14.86 22.16 9.40
CA SER A 12 -16.04 22.65 10.12
C SER A 12 -17.27 21.77 9.86
N LEU A 13 -17.15 20.85 8.90
CA LEU A 13 -18.24 19.96 8.57
C LEU A 13 -18.46 18.93 9.66
N THR A 14 -19.69 18.45 9.82
CA THR A 14 -19.96 17.34 10.72
C THR A 14 -19.69 16.04 9.99
N ALA A 15 -19.72 14.93 10.72
CA ALA A 15 -19.48 13.62 10.12
C ALA A 15 -20.57 13.28 9.11
N ASP A 16 -21.82 13.60 9.46
CA ASP A 16 -22.94 13.36 8.56
C ASP A 16 -22.89 14.27 7.34
N GLN A 17 -22.39 15.48 7.54
CA GLN A 17 -22.18 16.42 6.42
C GLN A 17 -21.08 15.91 5.50
N MET A 18 -20.02 15.38 6.10
CA MET A 18 -18.91 14.82 5.34
C MET A 18 -19.40 13.66 4.47
N VAL A 19 -20.25 12.81 5.04
CA VAL A 19 -20.80 11.68 4.31
C VAL A 19 -21.67 12.13 3.15
N SER A 20 -22.58 13.06 3.42
CA SER A 20 -23.49 13.57 2.40
C SER A 20 -22.73 14.19 1.23
N ALA A 21 -21.68 14.95 1.56
CA ALA A 21 -20.87 15.61 0.54
C ALA A 21 -20.18 14.60 -0.37
N LEU A 22 -19.62 13.55 0.24
CA LEU A 22 -18.91 12.52 -0.51
C LEU A 22 -19.86 11.69 -1.37
N LEU A 23 -21.03 11.36 -0.82
CA LEU A 23 -22.03 10.59 -1.56
C LEU A 23 -22.52 11.39 -2.77
N ASP A 24 -22.73 12.69 -2.56
CA ASP A 24 -23.25 13.56 -3.61
C ASP A 24 -22.19 13.83 -4.69
N ALA A 25 -20.93 13.65 -4.34
CA ALA A 25 -19.83 13.91 -5.27
C ALA A 25 -19.51 12.68 -6.11
N GLU A 26 -20.16 11.56 -5.79
CA GLU A 26 -19.90 10.29 -6.46
C GLU A 26 -20.04 10.38 -7.97
N PRO A 27 -19.00 9.97 -8.70
CA PRO A 27 -19.07 9.89 -10.15
C PRO A 27 -20.06 8.81 -10.58
N PRO A 28 -20.57 8.90 -11.81
CA PRO A 28 -21.49 7.87 -12.30
C PRO A 28 -20.79 6.60 -12.75
N ILE A 29 -21.54 5.51 -12.82
CA ILE A 29 -21.03 4.27 -13.38
C ILE A 29 -21.14 4.33 -14.90
N LEU A 30 -20.01 4.39 -15.59
CA LEU A 30 -19.99 4.55 -17.04
C LEU A 30 -20.11 3.21 -17.75
N TYR A 31 -20.63 3.24 -18.96
CA TYR A 31 -20.73 2.04 -19.77
C TYR A 31 -19.53 1.90 -20.70
N SER A 32 -19.17 0.67 -21.03
CA SER A 32 -18.17 0.43 -22.05
C SER A 32 -18.81 0.65 -23.41
N GLU A 33 -17.99 0.74 -24.44
CA GLU A 33 -18.49 0.76 -25.80
C GLU A 33 -19.26 -0.53 -26.03
N TYR A 34 -20.38 -0.47 -26.75
CA TYR A 34 -21.26 -1.64 -26.87
C TYR A 34 -20.68 -2.71 -27.79
N ASP A 35 -21.49 -3.20 -28.73
CA ASP A 35 -21.13 -4.35 -29.57
C ASP A 35 -21.09 -5.60 -28.70
N PRO A 36 -21.73 -6.70 -29.16
CA PRO A 36 -21.76 -7.93 -28.37
C PRO A 36 -20.35 -8.48 -28.10
N THR A 37 -19.35 -7.85 -28.70
CA THR A 37 -17.92 -8.01 -28.41
C THR A 37 -17.49 -9.34 -27.81
N ARG A 38 -17.59 -9.44 -26.49
CA ARG A 38 -16.98 -10.53 -25.73
C ARG A 38 -15.50 -10.62 -26.09
N PRO A 39 -14.70 -9.64 -25.63
CA PRO A 39 -13.29 -9.52 -26.00
C PRO A 39 -12.48 -10.75 -25.59
N PHE A 40 -11.80 -11.36 -26.54
CA PHE A 40 -10.97 -12.54 -26.27
C PHE A 40 -9.56 -12.34 -26.80
N SER A 41 -9.17 -11.09 -26.96
CA SER A 41 -7.80 -10.74 -27.35
C SER A 41 -7.37 -9.52 -26.54
N GLU A 42 -6.07 -9.39 -26.30
CA GLU A 42 -5.59 -8.29 -25.48
C GLU A 42 -5.79 -6.95 -26.19
N ALA A 43 -5.82 -6.98 -27.51
CA ALA A 43 -6.01 -5.77 -28.30
C ALA A 43 -7.38 -5.16 -28.05
N SER A 44 -8.43 -5.96 -28.23
CA SER A 44 -9.79 -5.48 -28.04
C SER A 44 -10.08 -5.25 -26.56
N MET A 45 -9.52 -6.11 -25.72
CA MET A 45 -9.68 -6.00 -24.27
C MET A 45 -9.11 -4.69 -23.75
N MET A 46 -7.84 -4.43 -24.06
CA MET A 46 -7.20 -3.19 -23.64
C MET A 46 -7.83 -1.98 -24.32
N GLY A 47 -8.35 -2.19 -25.52
CA GLY A 47 -9.05 -1.14 -26.25
C GLY A 47 -10.24 -0.63 -25.45
N LEU A 48 -11.04 -1.57 -24.95
CA LEU A 48 -12.23 -1.23 -24.17
C LEU A 48 -11.86 -0.60 -22.83
N LEU A 49 -10.83 -1.14 -22.19
CA LEU A 49 -10.44 -0.69 -20.85
C LEU A 49 -9.87 0.73 -20.86
N THR A 50 -8.98 0.99 -21.81
CA THR A 50 -8.35 2.30 -21.90
C THR A 50 -9.36 3.38 -22.30
N ASN A 51 -10.29 3.04 -23.18
CA ASN A 51 -11.35 3.97 -23.56
C ASN A 51 -12.20 4.31 -22.35
N LEU A 52 -12.57 3.29 -21.59
CA LEU A 52 -13.36 3.47 -20.37
C LEU A 52 -12.59 4.28 -19.32
N ALA A 53 -11.33 3.93 -19.11
CA ALA A 53 -10.50 4.60 -18.12
C ALA A 53 -10.36 6.08 -18.43
N ASP A 54 -10.18 6.40 -19.70
CA ASP A 54 -10.02 7.79 -20.14
C ASP A 54 -11.26 8.62 -19.80
N ARG A 55 -12.44 8.04 -20.00
CA ARG A 55 -13.69 8.74 -19.70
C ARG A 55 -13.92 8.84 -18.20
N GLU A 56 -13.52 7.81 -17.46
CA GLU A 56 -13.62 7.83 -16.00
C GLU A 56 -12.74 8.91 -15.40
N LEU A 57 -11.56 9.08 -15.99
CA LEU A 57 -10.59 10.08 -15.51
C LEU A 57 -11.17 11.49 -15.50
N VAL A 58 -11.97 11.81 -16.52
CA VAL A 58 -12.58 13.13 -16.60
C VAL A 58 -13.56 13.33 -15.44
N HIS A 59 -14.31 12.29 -15.11
CA HIS A 59 -15.23 12.34 -13.98
C HIS A 59 -14.50 12.38 -12.65
N MET A 60 -13.37 11.67 -12.57
CA MET A 60 -12.58 11.62 -11.34
C MET A 60 -12.04 13.01 -10.99
N ILE A 61 -11.52 13.70 -11.99
CA ILE A 61 -10.95 15.03 -11.80
C ILE A 61 -11.97 16.00 -11.21
N ASN A 62 -13.20 15.94 -11.71
CA ASN A 62 -14.26 16.80 -11.21
C ASN A 62 -14.83 16.29 -9.89
N TRP A 63 -14.72 14.98 -9.65
CA TRP A 63 -15.09 14.40 -8.37
C TRP A 63 -14.16 14.88 -7.27
N ALA A 64 -12.86 14.92 -7.60
CA ALA A 64 -11.84 15.32 -6.64
C ALA A 64 -12.06 16.75 -6.16
N LYS A 65 -12.50 17.61 -7.07
CA LYS A 65 -12.75 19.01 -6.73
C LYS A 65 -13.87 19.16 -5.71
N ARG A 66 -14.71 18.13 -5.62
CA ARG A 66 -15.83 18.15 -4.68
C ARG A 66 -15.51 17.40 -3.39
N VAL A 67 -14.30 16.84 -3.30
CA VAL A 67 -13.83 16.25 -2.06
C VAL A 67 -13.37 17.35 -1.12
N PRO A 68 -14.03 17.46 0.04
CA PRO A 68 -13.76 18.52 1.02
C PRO A 68 -12.28 18.63 1.39
N GLY A 69 -11.68 19.80 1.17
CA GLY A 69 -10.29 20.03 1.49
C GLY A 69 -9.38 20.02 0.28
N PHE A 70 -9.83 19.36 -0.79
CA PHE A 70 -9.03 19.23 -2.00
C PHE A 70 -8.90 20.57 -2.73
N VAL A 71 -10.00 21.30 -2.81
CA VAL A 71 -10.02 22.59 -3.50
C VAL A 71 -9.20 23.63 -2.76
N ASP A 72 -8.90 23.36 -1.49
CA ASP A 72 -8.12 24.27 -0.66
C ASP A 72 -6.63 24.17 -0.99
N LEU A 73 -6.25 23.11 -1.71
CA LEU A 73 -4.87 22.91 -2.11
C LEU A 73 -4.51 23.78 -3.31
N THR A 74 -3.22 24.02 -3.50
CA THR A 74 -2.73 24.71 -4.69
C THR A 74 -2.99 23.82 -5.91
N LEU A 75 -2.97 24.43 -7.09
CA LEU A 75 -3.21 23.70 -8.33
C LEU A 75 -2.17 22.58 -8.50
N HIS A 76 -0.92 22.88 -8.15
CA HIS A 76 0.16 21.93 -8.28
C HIS A 76 -0.03 20.71 -7.38
N ASP A 77 -0.42 20.95 -6.13
CA ASP A 77 -0.65 19.87 -5.17
C ASP A 77 -1.83 19.01 -5.60
N GLN A 78 -2.83 19.64 -6.20
CA GLN A 78 -3.98 18.92 -6.71
C GLN A 78 -3.58 18.01 -7.85
N VAL A 79 -2.71 18.52 -8.73
CA VAL A 79 -2.18 17.73 -9.84
C VAL A 79 -1.38 16.54 -9.33
N HIS A 80 -0.52 16.77 -8.35
CA HIS A 80 0.33 15.73 -7.80
C HIS A 80 -0.48 14.57 -7.22
N LEU A 81 -1.45 14.89 -6.38
CA LEU A 81 -2.29 13.88 -5.73
C LEU A 81 -3.06 13.03 -6.73
N LEU A 82 -3.59 13.68 -7.77
CA LEU A 82 -4.34 12.97 -8.79
C LEU A 82 -3.43 12.11 -9.66
N GLU A 83 -2.26 12.64 -10.00
CA GLU A 83 -1.27 11.89 -10.77
C GLU A 83 -0.84 10.64 -10.01
N CYS A 84 -0.79 10.75 -8.69
CA CYS A 84 -0.31 9.67 -7.84
C CYS A 84 -1.38 8.61 -7.61
N ALA A 85 -2.64 9.02 -7.48
CA ALA A 85 -3.67 8.13 -6.98
C ALA A 85 -4.68 7.63 -8.02
N TRP A 86 -4.57 8.10 -9.27
CA TRP A 86 -5.65 7.87 -10.24
C TRP A 86 -5.94 6.38 -10.48
N LEU A 87 -4.91 5.55 -10.60
CA LEU A 87 -5.14 4.14 -10.84
C LEU A 87 -5.67 3.44 -9.58
N GLU A 88 -5.24 3.89 -8.42
CA GLU A 88 -5.77 3.40 -7.16
C GLU A 88 -7.27 3.66 -7.06
N ILE A 89 -7.67 4.86 -7.47
CA ILE A 89 -9.05 5.29 -7.39
C ILE A 89 -9.92 4.54 -8.41
N LEU A 90 -9.39 4.34 -9.60
CA LEU A 90 -10.07 3.54 -10.61
C LEU A 90 -10.28 2.11 -10.13
N MET A 91 -9.26 1.55 -9.48
CA MET A 91 -9.29 0.16 -9.05
C MET A 91 -10.24 -0.09 -7.88
N ILE A 92 -10.24 0.80 -6.90
CA ILE A 92 -11.12 0.63 -5.75
C ILE A 92 -12.57 0.81 -6.17
N GLY A 93 -12.78 1.61 -7.22
CA GLY A 93 -14.11 1.78 -7.79
C GLY A 93 -14.54 0.50 -8.47
N LEU A 94 -13.63 -0.09 -9.24
CA LEU A 94 -13.85 -1.35 -9.93
C LEU A 94 -14.16 -2.47 -8.94
N VAL A 95 -13.33 -2.55 -7.89
CA VAL A 95 -13.52 -3.53 -6.83
C VAL A 95 -14.87 -3.34 -6.15
N TRP A 96 -15.28 -2.08 -5.95
CA TRP A 96 -16.56 -1.77 -5.35
C TRP A 96 -17.73 -2.26 -6.22
N ARG A 97 -17.67 -1.97 -7.51
CA ARG A 97 -18.72 -2.38 -8.44
C ARG A 97 -18.84 -3.89 -8.53
N SER A 98 -17.70 -4.57 -8.35
CA SER A 98 -17.63 -6.01 -8.58
C SER A 98 -18.06 -6.84 -7.36
N MET A 99 -18.43 -6.15 -6.28
CA MET A 99 -18.77 -6.82 -5.03
C MET A 99 -19.87 -7.86 -5.18
N GLU A 100 -20.97 -7.47 -5.82
CA GLU A 100 -22.12 -8.37 -5.97
C GLU A 100 -21.96 -9.31 -7.16
N HIS A 101 -20.74 -9.42 -7.67
CA HIS A 101 -20.45 -10.35 -8.74
C HIS A 101 -19.18 -11.16 -8.44
N PRO A 102 -19.29 -12.14 -7.53
CA PRO A 102 -18.15 -12.95 -7.12
C PRO A 102 -17.51 -13.71 -8.29
N GLY A 103 -16.18 -13.70 -8.34
CA GLY A 103 -15.46 -14.38 -9.40
C GLY A 103 -15.42 -13.58 -10.69
N LYS A 104 -16.02 -12.39 -10.66
CA LYS A 104 -16.09 -11.54 -11.84
C LYS A 104 -15.74 -10.10 -11.52
N LEU A 105 -15.23 -9.38 -12.52
CA LEU A 105 -14.97 -7.96 -12.37
C LEU A 105 -15.92 -7.15 -13.25
N LEU A 106 -16.66 -6.24 -12.63
CA LEU A 106 -17.62 -5.41 -13.36
C LEU A 106 -17.00 -4.08 -13.74
N PHE A 107 -16.28 -4.06 -14.86
CA PHE A 107 -15.68 -2.83 -15.37
C PHE A 107 -16.77 -1.85 -15.77
N ALA A 108 -17.85 -2.38 -16.32
CA ALA A 108 -19.01 -1.61 -16.71
C ALA A 108 -20.22 -2.53 -16.68
N PRO A 109 -21.43 -1.97 -16.51
CA PRO A 109 -22.63 -2.81 -16.48
C PRO A 109 -22.77 -3.72 -17.71
N ASN A 110 -22.19 -3.30 -18.83
CA ASN A 110 -22.21 -4.10 -20.05
C ASN A 110 -20.86 -4.74 -20.33
N LEU A 111 -19.97 -4.68 -19.35
CA LEU A 111 -18.64 -5.28 -19.48
C LEU A 111 -18.25 -6.03 -18.21
N LEU A 112 -18.74 -7.26 -18.08
CA LEU A 112 -18.49 -8.10 -16.93
C LEU A 112 -17.58 -9.26 -17.32
N LEU A 113 -16.42 -9.35 -16.67
CA LEU A 113 -15.38 -10.29 -17.11
C LEU A 113 -14.94 -11.25 -16.01
N ASP A 114 -14.59 -12.47 -16.41
CA ASP A 114 -14.08 -13.47 -15.48
C ASP A 114 -12.57 -13.68 -15.67
N ARG A 115 -12.00 -14.60 -14.92
CA ARG A 115 -10.56 -14.84 -14.93
C ARG A 115 -10.04 -15.32 -16.28
N ASN A 116 -10.86 -16.09 -16.99
CA ASN A 116 -10.48 -16.63 -18.29
C ASN A 116 -10.21 -15.54 -19.31
N GLN A 117 -11.07 -14.52 -19.30
CA GLN A 117 -10.87 -13.38 -20.20
C GLN A 117 -9.73 -12.52 -19.69
N GLY A 118 -9.48 -12.58 -18.39
CA GLY A 118 -8.41 -11.83 -17.77
C GLY A 118 -7.04 -12.38 -18.11
N LYS A 119 -7.01 -13.52 -18.80
CA LYS A 119 -5.76 -14.12 -19.23
C LYS A 119 -5.36 -13.65 -20.62
N CYS A 120 -6.26 -12.93 -21.29
CA CYS A 120 -6.00 -12.44 -22.64
C CYS A 120 -4.95 -11.34 -22.65
N VAL A 121 -5.03 -10.42 -21.70
CA VAL A 121 -4.00 -9.42 -21.53
C VAL A 121 -2.71 -10.11 -21.09
N GLU A 122 -2.76 -10.75 -19.92
CA GLU A 122 -1.67 -11.57 -19.39
C GLU A 122 -0.42 -10.76 -19.04
N GLY A 123 0.33 -11.25 -18.06
CA GLY A 123 1.41 -10.49 -17.45
C GLY A 123 0.76 -9.69 -16.34
N MET A 124 -0.57 -9.75 -16.32
CA MET A 124 -1.40 -8.99 -15.43
C MET A 124 -2.55 -9.84 -14.88
N VAL A 125 -2.49 -11.15 -15.12
CA VAL A 125 -3.53 -12.05 -14.62
C VAL A 125 -3.46 -12.13 -13.10
N GLU A 126 -2.26 -11.88 -12.55
CA GLU A 126 -2.09 -11.80 -11.12
C GLU A 126 -2.82 -10.58 -10.59
N ILE A 127 -2.72 -9.49 -11.33
CA ILE A 127 -3.42 -8.25 -11.00
C ILE A 127 -4.93 -8.46 -11.07
N PHE A 128 -5.37 -9.21 -12.07
CA PHE A 128 -6.77 -9.58 -12.20
C PHE A 128 -7.22 -10.37 -10.97
N ASP A 129 -6.40 -11.31 -10.56
CA ASP A 129 -6.70 -12.14 -9.39
C ASP A 129 -6.69 -11.32 -8.11
N MET A 130 -5.78 -10.35 -8.03
CA MET A 130 -5.69 -9.48 -6.87
C MET A 130 -6.93 -8.60 -6.75
N LEU A 131 -7.44 -8.16 -7.89
CA LEU A 131 -8.66 -7.36 -7.93
C LEU A 131 -9.86 -8.19 -7.47
N LEU A 132 -9.92 -9.43 -7.95
CA LEU A 132 -10.96 -10.36 -7.53
C LEU A 132 -10.89 -10.63 -6.02
N ALA A 133 -9.67 -10.81 -5.51
CA ALA A 133 -9.46 -11.09 -4.11
C ALA A 133 -9.90 -9.92 -3.23
N THR A 134 -9.63 -8.71 -3.71
CA THR A 134 -9.99 -7.50 -2.97
C THR A 134 -11.51 -7.33 -2.92
N SER A 135 -12.17 -7.61 -4.04
CA SER A 135 -13.62 -7.52 -4.12
C SER A 135 -14.27 -8.51 -3.17
N SER A 136 -13.74 -9.74 -3.15
CA SER A 136 -14.23 -10.77 -2.25
C SER A 136 -14.06 -10.36 -0.80
N ARG A 137 -12.96 -9.67 -0.51
CA ARG A 137 -12.68 -9.18 0.83
C ARG A 137 -13.72 -8.14 1.25
N PHE A 138 -14.01 -7.20 0.35
CA PHE A 138 -15.03 -6.19 0.59
C PHE A 138 -16.39 -6.85 0.85
N ARG A 139 -16.66 -7.91 0.11
CA ARG A 139 -17.92 -8.63 0.23
CA ARG A 139 -17.92 -8.63 0.23
C ARG A 139 -18.10 -9.22 1.62
N MET A 140 -17.10 -9.94 2.09
CA MET A 140 -17.17 -10.60 3.39
C MET A 140 -17.17 -9.61 4.55
N MET A 141 -16.68 -8.39 4.30
CA MET A 141 -16.69 -7.35 5.33
C MET A 141 -18.00 -6.57 5.32
N ASN A 142 -18.82 -6.83 4.30
CA ASN A 142 -20.05 -6.09 4.08
C ASN A 142 -19.80 -4.59 4.02
N LEU A 143 -18.82 -4.20 3.21
CA LEU A 143 -18.46 -2.80 3.05
C LEU A 143 -19.65 -1.97 2.57
N GLN A 144 -19.92 -0.87 3.26
CA GLN A 144 -21.04 -0.01 2.92
C GLN A 144 -20.60 1.14 2.02
N GLY A 145 -21.55 1.72 1.29
CA GLY A 145 -21.28 2.82 0.38
C GLY A 145 -20.67 4.02 1.08
N GLU A 146 -21.17 4.34 2.26
CA GLU A 146 -20.67 5.46 3.05
C GLU A 146 -19.21 5.24 3.45
N GLU A 147 -18.84 3.98 3.67
CA GLU A 147 -17.47 3.62 4.00
C GLU A 147 -16.58 3.71 2.76
N PHE A 148 -17.10 3.23 1.64
CA PHE A 148 -16.36 3.22 0.38
C PHE A 148 -15.94 4.61 -0.06
N VAL A 149 -16.85 5.58 0.01
CA VAL A 149 -16.55 6.94 -0.41
C VAL A 149 -15.53 7.59 0.53
N CYS A 150 -15.51 7.16 1.78
CA CYS A 150 -14.50 7.63 2.72
C CYS A 150 -13.14 7.07 2.33
N LEU A 151 -13.09 5.78 2.03
CA LEU A 151 -11.84 5.12 1.65
C LEU A 151 -11.25 5.72 0.37
N LYS A 152 -12.12 5.98 -0.60
CA LYS A 152 -11.68 6.55 -1.86
C LYS A 152 -11.12 7.96 -1.67
N SER A 153 -11.75 8.72 -0.78
CA SER A 153 -11.27 10.06 -0.44
C SER A 153 -9.89 10.00 0.21
N ILE A 154 -9.72 9.05 1.12
CA ILE A 154 -8.45 8.86 1.81
C ILE A 154 -7.33 8.57 0.82
N ILE A 155 -7.61 7.71 -0.15
CA ILE A 155 -6.65 7.37 -1.19
C ILE A 155 -6.17 8.60 -1.93
N LEU A 156 -7.11 9.48 -2.27
CA LEU A 156 -6.80 10.70 -3.01
C LEU A 156 -5.85 11.62 -2.24
N LEU A 157 -6.11 11.78 -0.95
CA LEU A 157 -5.34 12.73 -0.14
C LEU A 157 -4.05 12.14 0.42
N ASN A 158 -4.02 10.82 0.58
CA ASN A 158 -2.88 10.18 1.26
C ASN A 158 -1.75 9.73 0.34
N SER A 159 -2.10 9.24 -0.84
CA SER A 159 -1.14 8.54 -1.70
C SER A 159 0.05 9.41 -2.11
N GLY A 160 -0.17 10.70 -2.27
CA GLY A 160 0.92 11.60 -2.66
C GLY A 160 1.18 12.69 -1.65
N VAL A 161 0.77 12.46 -0.40
CA VAL A 161 0.86 13.47 0.65
C VAL A 161 2.31 13.86 0.98
N TYR A 162 3.25 12.99 0.58
CA TYR A 162 4.67 13.28 0.80
C TYR A 162 5.30 13.84 -0.46
N THR A 163 5.65 12.92 -1.36
CA THR A 163 6.29 13.21 -2.65
C THR A 163 5.89 14.54 -3.28
N LYS A 175 1.61 20.95 5.05
CA LYS A 175 1.25 19.56 4.95
C LYS A 175 0.26 19.16 6.04
N ASP A 176 0.10 20.04 7.04
CA ASP A 176 -0.80 19.79 8.15
C ASP A 176 -2.25 19.79 7.71
N HIS A 177 -2.55 20.52 6.64
CA HIS A 177 -3.91 20.63 6.13
C HIS A 177 -4.49 19.28 5.72
N ILE A 178 -3.77 18.58 4.86
CA ILE A 178 -4.21 17.26 4.38
C ILE A 178 -4.35 16.27 5.52
N HIS A 179 -3.38 16.27 6.43
CA HIS A 179 -3.40 15.37 7.58
C HIS A 179 -4.58 15.68 8.50
N ARG A 180 -4.97 16.94 8.56
CA ARG A 180 -6.12 17.34 9.36
C ARG A 180 -7.42 16.87 8.72
N VAL A 181 -7.47 16.89 7.39
CA VAL A 181 -8.64 16.39 6.67
C VAL A 181 -8.71 14.87 6.79
N LEU A 182 -7.56 14.22 6.72
CA LEU A 182 -7.50 12.76 6.86
C LEU A 182 -8.02 12.32 8.23
N ASP A 183 -7.65 13.07 9.27
CA ASP A 183 -8.17 12.81 10.60
C ASP A 183 -9.69 12.96 10.63
N LYS A 184 -10.18 13.95 9.88
CA LYS A 184 -11.62 14.20 9.79
C LYS A 184 -12.35 13.01 9.19
N ILE A 185 -11.76 12.45 8.13
CA ILE A 185 -12.35 11.28 7.46
C ILE A 185 -12.30 10.06 8.39
N THR A 186 -11.25 10.00 9.20
CA THR A 186 -11.13 8.95 10.22
C THR A 186 -12.28 9.07 11.22
N ASP A 187 -12.52 10.30 11.69
CA ASP A 187 -13.63 10.58 12.58
C ASP A 187 -14.94 10.18 11.91
N THR A 188 -15.03 10.41 10.61
CA THR A 188 -16.21 10.09 9.83
C THR A 188 -16.43 8.58 9.74
N LEU A 189 -15.36 7.86 9.44
CA LEU A 189 -15.42 6.40 9.34
C LEU A 189 -15.88 5.77 10.65
N ILE A 190 -15.31 6.23 11.76
CA ILE A 190 -15.71 5.76 13.09
C ILE A 190 -17.18 6.08 13.34
N HIS A 191 -17.58 7.31 13.00
CA HIS A 191 -18.95 7.77 13.16
C HIS A 191 -19.96 6.86 12.46
N LEU A 192 -19.58 6.35 11.28
CA LEU A 192 -20.44 5.45 10.53
C LEU A 192 -20.57 4.09 11.23
N MET A 193 -19.46 3.59 11.74
CA MET A 193 -19.44 2.30 12.41
C MET A 193 -20.19 2.36 13.74
N ALA A 194 -20.03 3.46 14.46
CA ALA A 194 -20.75 3.66 15.71
C ALA A 194 -22.25 3.79 15.44
N LYS A 195 -22.58 4.37 14.29
CA LYS A 195 -23.97 4.51 13.86
C LYS A 195 -24.54 3.14 13.51
N ALA A 196 -23.67 2.24 13.05
CA ALA A 196 -24.09 0.90 12.67
C ALA A 196 -24.27 -0.01 13.88
N GLY A 197 -23.93 0.50 15.06
CA GLY A 197 -24.12 -0.23 16.30
C GLY A 197 -22.94 -1.07 16.73
N LEU A 198 -21.80 -0.87 16.07
CA LEU A 198 -20.59 -1.61 16.40
C LEU A 198 -20.05 -1.20 17.77
N THR A 199 -19.50 -2.16 18.51
CA THR A 199 -18.86 -1.87 19.78
C THR A 199 -17.51 -1.19 19.54
N LEU A 200 -16.91 -0.69 20.62
CA LEU A 200 -15.63 0.02 20.52
C LEU A 200 -14.53 -0.83 19.89
N GLN A 201 -14.41 -2.08 20.36
CA GLN A 201 -13.37 -2.96 19.85
C GLN A 201 -13.62 -3.30 18.38
N GLN A 202 -14.88 -3.47 18.02
CA GLN A 202 -15.25 -3.74 16.63
C GLN A 202 -14.97 -2.54 15.74
N GLN A 203 -15.06 -1.34 16.32
CA GLN A 203 -14.84 -0.12 15.55
C GLN A 203 -13.38 0.04 15.11
N HIS A 204 -12.44 -0.09 16.04
CA HIS A 204 -11.04 0.10 15.67
C HIS A 204 -10.51 -1.11 14.92
N GLN A 205 -11.12 -2.27 15.11
CA GLN A 205 -10.73 -3.47 14.37
C GLN A 205 -11.15 -3.34 12.91
N ARG A 206 -12.37 -2.90 12.68
CA ARG A 206 -12.87 -2.72 11.32
C ARG A 206 -12.14 -1.59 10.61
N LEU A 207 -11.84 -0.52 11.35
CA LEU A 207 -11.08 0.60 10.81
C LEU A 207 -9.73 0.14 10.31
N ALA A 208 -9.06 -0.70 11.09
CA ALA A 208 -7.77 -1.24 10.71
C ALA A 208 -7.88 -2.14 9.47
N GLN A 209 -8.89 -3.01 9.47
CA GLN A 209 -9.12 -3.92 8.36
C GLN A 209 -9.29 -3.17 7.04
N LEU A 210 -10.06 -2.09 7.07
CA LEU A 210 -10.32 -1.29 5.88
C LEU A 210 -9.05 -0.59 5.37
N LEU A 211 -8.28 -0.03 6.29
CA LEU A 211 -7.10 0.73 5.92
C LEU A 211 -5.96 -0.16 5.43
N LEU A 212 -5.90 -1.39 5.93
CA LEU A 212 -4.88 -2.33 5.48
C LEU A 212 -5.10 -2.75 4.03
N ILE A 213 -6.36 -2.74 3.61
CA ILE A 213 -6.71 -3.04 2.23
C ILE A 213 -6.15 -1.97 1.30
N LEU A 214 -6.03 -0.74 1.81
CA LEU A 214 -5.47 0.36 1.04
C LEU A 214 -4.02 0.08 0.64
N SER A 215 -3.31 -0.64 1.50
CA SER A 215 -1.95 -1.06 1.17
C SER A 215 -1.96 -2.00 -0.02
N HIS A 216 -2.97 -2.87 -0.07
CA HIS A 216 -3.13 -3.78 -1.18
C HIS A 216 -3.55 -3.04 -2.44
N ILE A 217 -4.39 -2.03 -2.27
CA ILE A 217 -4.80 -1.17 -3.38
C ILE A 217 -3.58 -0.51 -4.02
N ARG A 218 -2.69 0.01 -3.17
CA ARG A 218 -1.46 0.64 -3.64
C ARG A 218 -0.62 -0.35 -4.44
N HIS A 219 -0.52 -1.57 -3.92
CA HIS A 219 0.28 -2.62 -4.55
C HIS A 219 -0.23 -2.95 -5.94
N MET A 220 -1.55 -3.07 -6.08
CA MET A 220 -2.16 -3.39 -7.37
C MET A 220 -1.94 -2.24 -8.35
N SER A 221 -1.99 -1.02 -7.85
CA SER A 221 -1.75 0.15 -8.68
C SER A 221 -0.31 0.18 -9.18
N ASN A 222 0.65 -0.02 -8.27
CA ASN A 222 2.06 -0.05 -8.62
C ASN A 222 2.34 -1.10 -9.70
N LYS A 223 1.92 -2.33 -9.45
CA LYS A 223 2.13 -3.42 -10.40
C LYS A 223 1.33 -3.18 -11.67
N GLY A 224 0.12 -2.64 -11.51
CA GLY A 224 -0.72 -2.32 -12.65
C GLY A 224 -0.10 -1.24 -13.51
N MET A 225 0.36 -0.18 -12.87
CA MET A 225 1.03 0.91 -13.56
C MET A 225 2.24 0.40 -14.33
N GLU A 226 3.07 -0.36 -13.63
CA GLU A 226 4.30 -0.93 -14.18
C GLU A 226 4.09 -1.57 -15.55
N HIS A 227 3.02 -2.34 -15.69
CA HIS A 227 2.69 -2.96 -16.97
C HIS A 227 2.17 -1.94 -17.97
N LEU A 228 1.32 -1.03 -17.50
CA LEU A 228 0.67 -0.06 -18.37
C LEU A 228 1.65 0.88 -19.08
N TYR A 229 2.65 1.39 -18.36
CA TYR A 229 3.61 2.29 -18.98
C TYR A 229 4.82 1.55 -19.54
N SER A 230 4.74 0.23 -19.60
CA SER A 230 5.75 -0.53 -20.33
C SER A 230 5.58 -0.22 -21.82
N MET A 231 6.69 -0.10 -22.53
CA MET A 231 6.64 0.29 -23.94
C MET A 231 5.82 -0.67 -24.79
N LYS A 232 5.84 -1.95 -24.43
CA LYS A 232 5.08 -2.96 -25.15
C LYS A 232 3.58 -2.74 -25.00
N CYS A 233 3.15 -2.42 -23.79
CA CYS A 233 1.73 -2.22 -23.51
C CYS A 233 1.24 -0.89 -24.07
N LYS A 234 2.16 0.06 -24.23
CA LYS A 234 1.83 1.33 -24.88
C LYS A 234 1.52 1.11 -26.36
N ASN A 235 2.22 0.15 -26.96
CA ASN A 235 2.12 -0.09 -28.40
C ASN A 235 0.94 -0.99 -28.78
N VAL A 236 0.33 -1.63 -27.80
CA VAL A 236 -0.79 -2.54 -28.04
C VAL A 236 -1.96 -1.82 -28.68
N VAL A 237 -2.41 -0.74 -28.04
CA VAL A 237 -3.50 0.07 -28.56
C VAL A 237 -3.20 1.54 -28.25
N PRO A 238 -3.47 2.44 -29.21
CA PRO A 238 -3.29 3.88 -29.00
C PRO A 238 -4.01 4.40 -27.76
N LEU A 239 -3.28 5.09 -26.89
CA LEU A 239 -3.86 5.65 -25.68
C LEU A 239 -4.13 7.13 -25.85
N SER A 240 -5.04 7.66 -25.04
CA SER A 240 -5.36 9.09 -25.10
C SER A 240 -4.20 9.90 -24.55
N ASP A 241 -4.18 11.19 -24.88
CA ASP A 241 -3.12 12.07 -24.42
C ASP A 241 -3.20 12.28 -22.92
N LEU A 242 -4.42 12.30 -22.39
CA LEU A 242 -4.64 12.43 -20.95
C LEU A 242 -4.12 11.20 -20.22
N LEU A 243 -4.51 10.02 -20.71
CA LEU A 243 -4.10 8.76 -20.10
C LEU A 243 -2.59 8.59 -20.17
N LEU A 244 -1.99 9.07 -21.25
CA LEU A 244 -0.54 9.02 -21.43
C LEU A 244 0.18 9.92 -20.43
N GLU A 245 -0.37 11.10 -20.19
CA GLU A 245 0.23 12.05 -19.25
C GLU A 245 0.06 11.59 -17.81
N MET A 246 -0.98 10.81 -17.54
CA MET A 246 -1.18 10.24 -16.22
C MET A 246 -0.19 9.10 -15.98
N LEU A 247 0.13 8.38 -17.06
CA LEU A 247 1.10 7.29 -17.01
C LEU A 247 2.53 7.81 -16.86
N ASP A 248 2.87 8.82 -17.65
CA ASP A 248 4.21 9.40 -17.65
C ASP A 248 4.58 9.98 -16.30
N ALA A 249 3.57 10.34 -15.50
CA ALA A 249 3.81 10.86 -14.16
C ALA A 249 4.46 9.80 -13.27
N HIS A 250 4.23 8.54 -13.59
CA HIS A 250 4.87 7.42 -12.91
C HIS A 250 5.95 6.80 -13.79
N ARG A 251 6.96 7.59 -14.15
CA ARG A 251 7.90 7.12 -15.16
C ARG A 251 9.15 6.44 -14.60
N LEU A 252 8.92 5.29 -13.95
CA LEU A 252 9.92 4.30 -13.51
C LEU A 252 9.34 3.56 -12.32
N SER B 8 -4.62 -22.10 18.27
CA SER B 8 -3.38 -21.34 18.28
C SER B 8 -3.07 -20.77 19.65
N LEU B 9 -1.88 -20.22 19.81
CA LEU B 9 -1.46 -19.64 21.08
C LEU B 9 -1.42 -18.12 21.01
N ALA B 10 -1.28 -17.60 19.79
CA ALA B 10 -1.21 -16.17 19.57
C ALA B 10 -2.55 -15.49 19.86
N LEU B 11 -3.63 -16.26 19.73
CA LEU B 11 -4.97 -15.74 19.95
C LEU B 11 -5.29 -15.64 21.44
N SER B 12 -4.45 -16.25 22.27
CA SER B 12 -4.66 -16.23 23.72
C SER B 12 -3.81 -15.16 24.38
N LEU B 13 -2.87 -14.59 23.63
CA LEU B 13 -1.98 -13.56 24.16
C LEU B 13 -2.72 -12.29 24.52
N THR B 14 -2.39 -11.73 25.68
CA THR B 14 -2.88 -10.42 26.06
C THR B 14 -2.09 -9.37 25.30
N ALA B 15 -2.48 -8.10 25.43
CA ALA B 15 -1.81 -7.03 24.72
C ALA B 15 -0.36 -6.89 25.15
N ASP B 16 -0.13 -6.87 26.47
CA ASP B 16 1.21 -6.73 27.02
C ASP B 16 2.08 -7.93 26.66
N GLN B 17 1.47 -9.11 26.60
CA GLN B 17 2.18 -10.32 26.20
C GLN B 17 2.62 -10.24 24.74
N MET B 18 1.76 -9.65 23.90
CA MET B 18 2.06 -9.48 22.49
C MET B 18 3.25 -8.54 22.30
N VAL B 19 3.21 -7.39 22.96
CA VAL B 19 4.29 -6.42 22.90
C VAL B 19 5.60 -7.04 23.39
N SER B 20 5.53 -7.72 24.53
CA SER B 20 6.70 -8.39 25.10
C SER B 20 7.30 -9.39 24.12
N ALA B 21 6.43 -10.15 23.45
CA ALA B 21 6.86 -11.15 22.49
C ALA B 21 7.54 -10.50 21.29
N LEU B 22 6.95 -9.42 20.77
CA LEU B 22 7.49 -8.73 19.61
C LEU B 22 8.80 -8.03 19.94
N LEU B 23 8.90 -7.47 21.14
CA LEU B 23 10.10 -6.76 21.56
C LEU B 23 11.30 -7.68 21.65
N ASP B 24 11.12 -8.84 22.27
CA ASP B 24 12.22 -9.78 22.48
C ASP B 24 12.62 -10.48 21.19
N ALA B 25 11.75 -10.39 20.19
CA ALA B 25 12.01 -11.03 18.89
C ALA B 25 12.74 -10.09 17.95
N GLU B 26 12.95 -8.85 18.38
CA GLU B 26 13.60 -7.83 17.57
C GLU B 26 14.99 -8.26 17.10
N PRO B 27 15.23 -8.14 15.77
CA PRO B 27 16.55 -8.41 15.20
C PRO B 27 17.54 -7.33 15.60
N PRO B 28 18.84 -7.60 15.44
CA PRO B 28 19.84 -6.59 15.81
C PRO B 28 20.14 -5.60 14.69
N ILE B 29 20.80 -4.50 15.04
CA ILE B 29 21.24 -3.53 14.05
C ILE B 29 22.60 -3.97 13.49
N LEU B 30 22.61 -4.40 12.24
CA LEU B 30 23.82 -4.88 11.60
C LEU B 30 24.68 -3.74 11.07
N TYR B 31 25.99 -3.95 11.02
CA TYR B 31 26.90 -2.98 10.44
C TYR B 31 27.11 -3.25 8.96
N SER B 32 27.47 -2.21 8.21
CA SER B 32 27.84 -2.38 6.82
C SER B 32 29.36 -2.54 6.72
N GLU B 33 29.87 -2.64 5.49
CA GLU B 33 31.31 -2.70 5.27
C GLU B 33 31.84 -1.36 4.80
N TYR B 34 31.12 -0.29 5.12
CA TYR B 34 31.47 1.05 4.67
C TYR B 34 32.81 1.51 5.23
N ASP B 35 33.61 2.12 4.35
CA ASP B 35 34.88 2.70 4.74
C ASP B 35 34.91 4.16 4.30
N PRO B 36 34.98 5.09 5.26
CA PRO B 36 35.03 6.53 4.97
C PRO B 36 36.23 6.90 4.08
N THR B 37 37.31 6.14 4.18
CA THR B 37 38.48 6.37 3.35
C THR B 37 38.19 6.00 1.90
N ARG B 38 37.47 4.90 1.72
CA ARG B 38 37.09 4.41 0.40
C ARG B 38 36.29 5.41 -0.38
N PRO B 39 36.51 5.47 -1.71
CA PRO B 39 35.72 6.36 -2.56
C PRO B 39 34.24 6.02 -2.56
N PHE B 40 33.39 7.05 -2.39
CA PHE B 40 31.95 6.85 -2.37
C PHE B 40 31.28 7.15 -3.72
N SER B 41 30.33 6.31 -4.09
CA SER B 41 29.57 6.46 -5.32
C SER B 41 28.38 5.53 -5.28
N GLU B 42 27.47 5.68 -6.25
CA GLU B 42 26.42 4.69 -6.42
C GLU B 42 27.07 3.45 -7.02
N ALA B 43 26.36 2.32 -6.94
CA ALA B 43 26.88 0.98 -7.25
C ALA B 43 27.84 0.49 -6.17
N SER B 44 28.73 1.36 -5.70
CA SER B 44 29.56 1.04 -4.54
C SER B 44 28.68 1.07 -3.30
N MET B 45 27.85 2.09 -3.22
CA MET B 45 26.85 2.23 -2.17
C MET B 45 25.83 1.10 -2.26
N MET B 46 25.39 0.81 -3.47
CA MET B 46 24.42 -0.27 -3.69
C MET B 46 25.02 -1.63 -3.40
N GLY B 47 26.34 -1.74 -3.56
CA GLY B 47 27.04 -2.96 -3.22
C GLY B 47 27.04 -3.19 -1.72
N LEU B 48 27.20 -2.11 -0.97
CA LEU B 48 27.20 -2.18 0.49
C LEU B 48 25.80 -2.49 1.03
N LEU B 49 24.79 -1.87 0.43
CA LEU B 49 23.41 -2.07 0.86
C LEU B 49 22.92 -3.48 0.53
N THR B 50 23.36 -4.00 -0.61
CA THR B 50 23.04 -5.36 -1.01
C THR B 50 23.62 -6.36 -0.02
N ASN B 51 24.88 -6.15 0.36
CA ASN B 51 25.55 -7.00 1.33
C ASN B 51 24.89 -6.90 2.70
N LEU B 52 24.46 -5.70 3.06
CA LEU B 52 23.79 -5.46 4.33
C LEU B 52 22.41 -6.11 4.39
N ALA B 53 21.62 -5.91 3.33
CA ALA B 53 20.27 -6.46 3.27
C ALA B 53 20.29 -7.99 3.31
N ASP B 54 21.27 -8.58 2.62
CA ASP B 54 21.40 -10.03 2.57
C ASP B 54 21.60 -10.65 3.95
N ARG B 55 22.42 -9.99 4.76
CA ARG B 55 22.66 -10.46 6.13
C ARG B 55 21.44 -10.14 7.01
N GLU B 56 20.80 -9.01 6.75
CA GLU B 56 19.59 -8.65 7.47
C GLU B 56 18.45 -9.64 7.23
N LEU B 57 18.38 -10.18 6.01
CA LEU B 57 17.35 -11.15 5.65
C LEU B 57 17.39 -12.40 6.49
N VAL B 58 18.60 -12.84 6.85
CA VAL B 58 18.75 -14.04 7.65
C VAL B 58 18.16 -13.84 9.04
N HIS B 59 18.40 -12.66 9.62
CA HIS B 59 17.83 -12.33 10.92
C HIS B 59 16.31 -12.10 10.81
N MET B 60 15.86 -11.61 9.67
CA MET B 60 14.43 -11.36 9.45
C MET B 60 13.64 -12.65 9.40
N ILE B 61 14.20 -13.64 8.71
CA ILE B 61 13.55 -14.94 8.57
C ILE B 61 13.34 -15.59 9.94
N ASN B 62 14.38 -15.55 10.77
CA ASN B 62 14.28 -16.12 12.12
C ASN B 62 13.47 -15.22 13.04
N TRP B 63 13.38 -13.94 12.73
CA TRP B 63 12.50 -13.03 13.46
C TRP B 63 11.05 -13.36 13.17
N ALA B 64 10.77 -13.69 11.91
CA ALA B 64 9.41 -14.01 11.47
C ALA B 64 8.86 -15.23 12.21
N LYS B 65 9.73 -16.19 12.50
CA LYS B 65 9.33 -17.39 13.21
C LYS B 65 8.84 -17.06 14.62
N ARG B 66 9.31 -15.95 15.16
CA ARG B 66 8.95 -15.57 16.53
C ARG B 66 7.78 -14.60 16.55
N VAL B 67 7.28 -14.24 15.36
CA VAL B 67 6.08 -13.44 15.26
C VAL B 67 4.87 -14.33 15.54
N PRO B 68 4.08 -13.98 16.55
CA PRO B 68 2.91 -14.76 16.99
C PRO B 68 1.96 -15.10 15.83
N GLY B 69 1.76 -16.41 15.62
CA GLY B 69 0.84 -16.87 14.59
C GLY B 69 1.51 -17.24 13.27
N PHE B 70 2.77 -16.87 13.11
CA PHE B 70 3.47 -17.09 11.85
C PHE B 70 3.85 -18.55 11.64
N VAL B 71 4.23 -19.24 12.71
CA VAL B 71 4.64 -20.64 12.61
C VAL B 71 3.43 -21.58 12.56
N ASP B 72 2.25 -21.04 12.78
CA ASP B 72 1.02 -21.82 12.63
C ASP B 72 0.68 -21.97 11.16
N LEU B 73 1.30 -21.14 10.34
CA LEU B 73 1.08 -21.15 8.90
C LEU B 73 1.86 -22.28 8.23
N THR B 74 1.36 -22.73 7.08
CA THR B 74 2.08 -23.72 6.28
C THR B 74 3.39 -23.13 5.79
N LEU B 75 4.36 -23.99 5.50
CA LEU B 75 5.68 -23.55 5.07
C LEU B 75 5.60 -22.75 3.78
N HIS B 76 4.73 -23.17 2.87
CA HIS B 76 4.54 -22.46 1.60
C HIS B 76 4.00 -21.06 1.83
N ASP B 77 3.12 -20.90 2.82
CA ASP B 77 2.53 -19.60 3.12
C ASP B 77 3.54 -18.68 3.81
N GLN B 78 4.40 -19.27 4.64
CA GLN B 78 5.46 -18.49 5.29
C GLN B 78 6.40 -17.91 4.23
N VAL B 79 6.77 -18.75 3.26
CA VAL B 79 7.63 -18.34 2.17
C VAL B 79 7.03 -17.17 1.40
N HIS B 80 5.74 -17.29 1.07
CA HIS B 80 5.06 -16.28 0.27
C HIS B 80 4.98 -14.93 0.97
N LEU B 81 4.70 -14.96 2.28
CA LEU B 81 4.60 -13.71 3.05
C LEU B 81 5.92 -12.98 3.14
N LEU B 82 7.00 -13.72 3.35
CA LEU B 82 8.33 -13.12 3.42
C LEU B 82 8.79 -12.63 2.05
N GLU B 83 8.50 -13.40 1.01
CA GLU B 83 8.83 -13.01 -0.36
C GLU B 83 8.14 -11.71 -0.73
N CYS B 84 6.93 -11.54 -0.22
CA CYS B 84 6.14 -10.35 -0.53
C CYS B 84 6.57 -9.11 0.26
N ALA B 85 6.95 -9.31 1.51
CA ALA B 85 7.09 -8.18 2.43
C ALA B 85 8.53 -7.83 2.83
N TRP B 86 9.52 -8.58 2.34
CA TRP B 86 10.88 -8.46 2.87
C TRP B 86 11.47 -7.05 2.72
N LEU B 87 11.23 -6.41 1.57
CA LEU B 87 11.76 -5.07 1.35
C LEU B 87 10.99 -4.05 2.18
N GLU B 88 9.68 -4.28 2.33
CA GLU B 88 8.86 -3.44 3.19
C GLU B 88 9.37 -3.46 4.62
N ILE B 89 9.73 -4.66 5.09
CA ILE B 89 10.18 -4.84 6.47
C ILE B 89 11.56 -4.22 6.67
N LEU B 90 12.42 -4.38 5.67
CA LEU B 90 13.74 -3.74 5.70
C LEU B 90 13.59 -2.22 5.76
N MET B 91 12.70 -1.69 4.93
CA MET B 91 12.55 -0.25 4.81
C MET B 91 11.97 0.40 6.06
N ILE B 92 11.01 -0.25 6.70
CA ILE B 92 10.41 0.33 7.90
C ILE B 92 11.41 0.26 9.06
N GLY B 93 12.30 -0.73 9.02
CA GLY B 93 13.37 -0.83 9.99
C GLY B 93 14.33 0.32 9.78
N LEU B 94 14.68 0.56 8.52
CA LEU B 94 15.56 1.66 8.14
C LEU B 94 14.96 3.00 8.58
N VAL B 95 13.69 3.19 8.28
CA VAL B 95 12.98 4.40 8.65
C VAL B 95 12.95 4.58 10.17
N TRP B 96 12.76 3.48 10.89
CA TRP B 96 12.78 3.51 12.35
C TRP B 96 14.14 3.93 12.90
N ARG B 97 15.21 3.40 12.30
CA ARG B 97 16.57 3.73 12.72
C ARG B 97 16.88 5.20 12.53
N SER B 98 16.31 5.79 11.49
CA SER B 98 16.71 7.11 11.03
C SER B 98 15.88 8.25 11.63
N MET B 99 14.96 7.91 12.52
CA MET B 99 14.06 8.89 13.14
C MET B 99 14.79 10.06 13.77
N GLU B 100 15.81 9.76 14.58
CA GLU B 100 16.53 10.80 15.32
C GLU B 100 17.67 11.40 14.51
N HIS B 101 17.67 11.16 13.20
CA HIS B 101 18.66 11.75 12.33
C HIS B 101 18.00 12.50 11.17
N PRO B 102 17.56 13.74 11.44
CA PRO B 102 16.86 14.58 10.45
C PRO B 102 17.67 14.79 9.19
N GLY B 103 17.08 14.47 8.03
CA GLY B 103 17.72 14.68 6.76
C GLY B 103 18.72 13.60 6.39
N LYS B 104 18.76 12.54 7.19
CA LYS B 104 19.70 11.44 6.95
C LYS B 104 19.05 10.07 7.15
N LEU B 105 19.53 9.08 6.41
CA LEU B 105 19.09 7.71 6.59
C LEU B 105 20.19 6.87 7.25
N LEU B 106 19.87 6.26 8.37
CA LEU B 106 20.84 5.43 9.09
C LEU B 106 20.74 3.98 8.64
N PHE B 107 21.36 3.66 7.51
CA PHE B 107 21.36 2.29 6.98
C PHE B 107 22.09 1.37 7.96
N ALA B 108 23.11 1.90 8.61
CA ALA B 108 23.89 1.16 9.59
C ALA B 108 24.54 2.17 10.54
N PRO B 109 24.90 1.74 11.76
CA PRO B 109 25.52 2.67 12.70
C PRO B 109 26.76 3.36 12.12
N ASN B 110 27.43 2.68 11.18
CA ASN B 110 28.60 3.25 10.53
C ASN B 110 28.28 3.76 9.12
N LEU B 111 27.00 3.75 8.76
CA LEU B 111 26.59 4.21 7.43
C LEU B 111 25.40 5.17 7.52
N LEU B 112 25.71 6.43 7.83
CA LEU B 112 24.69 7.48 7.92
C LEU B 112 24.81 8.42 6.72
N LEU B 113 23.81 8.38 5.83
CA LEU B 113 23.91 9.11 4.57
C LEU B 113 22.84 10.18 4.40
N ASP B 114 23.23 11.30 3.80
CA ASP B 114 22.27 12.33 3.46
C ASP B 114 21.81 12.17 2.01
N ARG B 115 20.99 13.11 1.56
CA ARG B 115 20.39 13.08 0.24
C ARG B 115 21.41 13.11 -0.90
N ASN B 116 22.54 13.79 -0.67
CA ASN B 116 23.47 14.12 -1.74
C ASN B 116 24.49 13.02 -2.08
N GLN B 117 25.08 12.43 -1.06
CA GLN B 117 26.15 11.44 -1.24
C GLN B 117 25.72 10.27 -2.12
N GLU B 122 18.46 9.55 -10.39
CA GLU B 122 17.38 10.47 -10.08
C GLU B 122 16.15 9.73 -9.53
N GLY B 123 15.92 8.53 -10.04
CA GLY B 123 14.81 7.71 -9.59
C GLY B 123 15.05 7.18 -8.19
N MET B 124 16.30 6.84 -7.90
CA MET B 124 16.67 6.33 -6.59
C MET B 124 16.75 7.47 -5.57
N VAL B 125 16.99 8.68 -6.07
CA VAL B 125 17.01 9.87 -5.22
C VAL B 125 15.63 10.11 -4.63
N GLU B 126 14.59 9.87 -5.43
CA GLU B 126 13.22 10.06 -4.98
C GLU B 126 12.81 8.99 -3.98
N ILE B 127 13.38 7.79 -4.12
CA ILE B 127 13.18 6.73 -3.14
C ILE B 127 13.80 7.16 -1.81
N PHE B 128 14.97 7.78 -1.91
CA PHE B 128 15.67 8.31 -0.74
C PHE B 128 14.82 9.35 -0.02
N ASP B 129 14.25 10.27 -0.79
CA ASP B 129 13.42 11.32 -0.22
C ASP B 129 12.15 10.77 0.43
N MET B 130 11.54 9.77 -0.20
CA MET B 130 10.36 9.12 0.36
C MET B 130 10.69 8.47 1.70
N LEU B 131 11.83 7.80 1.76
CA LEU B 131 12.31 7.21 3.01
C LEU B 131 12.56 8.28 4.05
N LEU B 132 13.13 9.40 3.61
CA LEU B 132 13.35 10.56 4.49
C LEU B 132 12.04 11.12 5.01
N ALA B 133 11.07 11.27 4.12
CA ALA B 133 9.76 11.82 4.49
C ALA B 133 9.05 10.91 5.48
N THR B 134 9.17 9.61 5.28
CA THR B 134 8.54 8.63 6.16
C THR B 134 9.17 8.68 7.55
N SER B 135 10.49 8.85 7.59
CA SER B 135 11.21 8.92 8.86
C SER B 135 10.82 10.16 9.65
N SER B 136 10.69 11.30 8.96
CA SER B 136 10.29 12.53 9.61
C SER B 136 8.83 12.45 10.08
N ARG B 137 8.03 11.67 9.35
CA ARG B 137 6.65 11.44 9.73
C ARG B 137 6.57 10.70 11.07
N PHE B 138 7.40 9.67 11.22
CA PHE B 138 7.50 8.93 12.48
C PHE B 138 7.96 9.84 13.61
N ARG B 139 8.91 10.72 13.30
CA ARG B 139 9.47 11.63 14.29
C ARG B 139 8.42 12.61 14.80
N MET B 140 7.65 13.19 13.89
CA MET B 140 6.61 14.14 14.25
C MET B 140 5.51 13.48 15.07
N MET B 141 5.23 12.22 14.78
CA MET B 141 4.23 11.45 15.52
C MET B 141 4.82 10.93 16.83
N ASN B 142 6.13 10.99 16.95
CA ASN B 142 6.86 10.40 18.07
C ASN B 142 6.48 8.93 18.23
N LEU B 143 6.73 8.15 17.19
CA LEU B 143 6.43 6.73 17.18
C LEU B 143 7.20 5.99 18.27
N GLN B 144 6.50 5.17 19.04
CA GLN B 144 7.13 4.41 20.10
C GLN B 144 7.60 3.05 19.58
N GLY B 145 8.61 2.49 20.23
CA GLY B 145 9.15 1.20 19.85
C GLY B 145 8.10 0.11 19.88
N GLU B 146 7.21 0.20 20.86
CA GLU B 146 6.13 -0.76 21.00
C GLU B 146 5.17 -0.68 19.82
N GLU B 147 4.95 0.53 19.32
CA GLU B 147 4.10 0.73 18.16
C GLU B 147 4.79 0.22 16.89
N PHE B 148 6.09 0.48 16.80
CA PHE B 148 6.88 0.08 15.64
C PHE B 148 6.86 -1.42 15.38
N VAL B 149 7.08 -2.20 16.44
CA VAL B 149 7.14 -3.65 16.30
C VAL B 149 5.77 -4.21 15.90
N CYS B 150 4.70 -3.52 16.30
CA CYS B 150 3.36 -3.91 15.89
C CYS B 150 3.17 -3.68 14.40
N LEU B 151 3.57 -2.50 13.93
CA LEU B 151 3.46 -2.15 12.52
C LEU B 151 4.24 -3.10 11.63
N LYS B 152 5.47 -3.42 12.03
CA LYS B 152 6.32 -4.30 11.25
C LYS B 152 5.72 -5.69 11.14
N SER B 153 5.11 -6.17 12.23
CA SER B 153 4.44 -7.46 12.24
C SER B 153 3.21 -7.44 11.36
N ILE B 154 2.50 -6.31 11.35
CA ILE B 154 1.33 -6.16 10.49
C ILE B 154 1.72 -6.29 9.03
N ILE B 155 2.81 -5.64 8.64
CA ILE B 155 3.34 -5.72 7.29
C ILE B 155 3.60 -7.16 6.87
N LEU B 156 4.27 -7.91 7.75
CA LEU B 156 4.61 -9.31 7.50
C LEU B 156 3.38 -10.16 7.18
N LEU B 157 2.33 -9.97 7.97
CA LEU B 157 1.13 -10.80 7.86
C LEU B 157 0.16 -10.31 6.78
N ASN B 158 0.15 -8.99 6.55
CA ASN B 158 -0.86 -8.40 5.67
C ASN B 158 -0.44 -8.30 4.21
N SER B 159 0.82 -7.98 3.96
CA SER B 159 1.28 -7.65 2.61
C SER B 159 1.00 -8.73 1.56
N GLY B 160 1.13 -10.00 1.95
CA GLY B 160 0.91 -11.08 1.02
C GLY B 160 -0.27 -11.97 1.36
N VAL B 161 -1.25 -11.42 2.05
CA VAL B 161 -2.39 -12.21 2.52
C VAL B 161 -3.44 -12.42 1.40
N TYR B 162 -3.39 -11.57 0.38
CA TYR B 162 -4.35 -11.67 -0.72
C TYR B 162 -3.67 -12.07 -2.03
N THR B 163 -2.54 -12.76 -1.93
CA THR B 163 -1.78 -13.14 -3.13
C THR B 163 -1.41 -14.63 -3.13
N PHE B 164 -2.10 -15.43 -2.31
CA PHE B 164 -1.85 -16.86 -2.28
C PHE B 164 -2.28 -17.54 -3.58
N LYS B 170 -7.62 -24.34 -1.77
CA LYS B 170 -8.64 -24.75 -0.80
C LYS B 170 -8.31 -26.10 -0.19
N SER B 171 -8.57 -26.25 1.11
CA SER B 171 -9.14 -25.17 1.90
C SER B 171 -8.09 -24.55 2.81
N LEU B 172 -8.18 -23.24 2.98
CA LEU B 172 -7.23 -22.52 3.83
C LEU B 172 -7.92 -21.60 4.83
N GLU B 173 -8.03 -22.07 6.07
CA GLU B 173 -8.40 -21.20 7.19
C GLU B 173 -7.20 -20.34 7.52
N GLU B 174 -6.10 -20.59 6.82
CA GLU B 174 -4.87 -19.82 6.95
C GLU B 174 -5.14 -18.32 6.87
N LYS B 175 -5.85 -17.91 5.83
CA LYS B 175 -6.20 -16.50 5.64
C LYS B 175 -7.05 -15.98 6.80
N ASP B 176 -7.96 -16.81 7.29
CA ASP B 176 -8.84 -16.41 8.39
C ASP B 176 -8.06 -16.28 9.70
N HIS B 177 -7.12 -17.19 9.93
CA HIS B 177 -6.30 -17.15 11.12
C HIS B 177 -5.39 -15.94 11.13
N ILE B 178 -4.90 -15.56 9.96
CA ILE B 178 -4.06 -14.38 9.82
C ILE B 178 -4.83 -13.12 10.18
N HIS B 179 -6.07 -13.03 9.73
CA HIS B 179 -6.91 -11.87 9.99
C HIS B 179 -7.24 -11.73 11.47
N ARG B 180 -7.35 -12.87 12.16
CA ARG B 180 -7.62 -12.86 13.60
C ARG B 180 -6.39 -12.36 14.36
N VAL B 181 -5.21 -12.78 13.93
CA VAL B 181 -3.97 -12.31 14.53
C VAL B 181 -3.79 -10.82 14.26
N LEU B 182 -4.11 -10.41 13.02
CA LEU B 182 -4.06 -8.99 12.65
C LEU B 182 -4.99 -8.16 13.52
N ASP B 183 -6.17 -8.71 13.82
CA ASP B 183 -7.12 -8.06 14.71
C ASP B 183 -6.53 -7.92 16.12
N LYS B 184 -5.80 -8.94 16.56
CA LYS B 184 -5.18 -8.93 17.87
C LYS B 184 -4.10 -7.85 17.97
N ILE B 185 -3.37 -7.65 16.88
CA ILE B 185 -2.33 -6.62 16.84
C ILE B 185 -2.95 -5.23 16.84
N THR B 186 -4.11 -5.10 16.20
CA THR B 186 -4.87 -3.85 16.24
C THR B 186 -5.29 -3.54 17.68
N ASP B 187 -5.79 -4.56 18.36
CA ASP B 187 -6.15 -4.44 19.77
C ASP B 187 -4.95 -4.01 20.60
N THR B 188 -3.79 -4.55 20.24
CA THR B 188 -2.54 -4.25 20.94
C THR B 188 -2.13 -2.78 20.73
N LEU B 189 -2.23 -2.31 19.49
CA LEU B 189 -1.93 -0.92 19.16
C LEU B 189 -2.82 0.03 19.97
N ILE B 190 -4.12 -0.25 19.96
CA ILE B 190 -5.09 0.57 20.70
C ILE B 190 -4.78 0.59 22.19
N HIS B 191 -4.44 -0.59 22.72
CA HIS B 191 -4.10 -0.73 24.14
C HIS B 191 -2.91 0.15 24.51
N LEU B 192 -1.90 0.19 23.65
CA LEU B 192 -0.72 1.01 23.88
C LEU B 192 -1.09 2.50 23.90
N MET B 193 -1.94 2.91 22.97
CA MET B 193 -2.32 4.32 22.85
C MET B 193 -3.17 4.79 24.03
N ALA B 194 -4.07 3.92 24.48
CA ALA B 194 -4.90 4.24 25.63
C ALA B 194 -4.06 4.33 26.90
N LYS B 195 -2.98 3.55 26.93
CA LYS B 195 -2.05 3.58 28.06
C LYS B 195 -1.22 4.85 28.03
N ALA B 196 -1.12 5.46 26.85
CA ALA B 196 -0.37 6.70 26.69
C ALA B 196 -1.20 7.92 27.10
N GLY B 197 -2.48 7.69 27.40
CA GLY B 197 -3.35 8.75 27.87
C GLY B 197 -4.14 9.41 26.76
N LEU B 198 -4.00 8.90 25.54
CA LEU B 198 -4.74 9.44 24.39
C LEU B 198 -6.24 9.19 24.52
N THR B 199 -7.03 10.19 24.16
CA THR B 199 -8.48 10.02 24.14
C THR B 199 -8.88 9.07 23.02
N LEU B 200 -10.12 8.60 23.06
CA LEU B 200 -10.63 7.67 22.05
C LEU B 200 -10.49 8.23 20.63
N GLN B 201 -10.84 9.49 20.46
CA GLN B 201 -10.71 10.14 19.16
C GLN B 201 -9.25 10.15 18.74
N GLN B 202 -8.37 10.48 19.68
CA GLN B 202 -6.93 10.50 19.41
C GLN B 202 -6.39 9.11 19.10
N GLN B 203 -6.96 8.09 19.74
CA GLN B 203 -6.54 6.71 19.51
C GLN B 203 -6.86 6.26 18.09
N HIS B 204 -8.10 6.51 17.66
CA HIS B 204 -8.54 6.12 16.32
C HIS B 204 -7.78 6.89 15.25
N GLN B 205 -7.57 8.18 15.49
CA GLN B 205 -6.85 9.02 14.54
C GLN B 205 -5.40 8.57 14.39
N ARG B 206 -4.74 8.31 15.51
CA ARG B 206 -3.35 7.86 15.47
C ARG B 206 -3.22 6.49 14.81
N LEU B 207 -4.16 5.60 15.11
CA LEU B 207 -4.19 4.29 14.51
C LEU B 207 -4.31 4.39 12.99
N ALA B 208 -5.20 5.26 12.53
CA ALA B 208 -5.36 5.51 11.10
C ALA B 208 -4.08 6.05 10.50
N GLN B 209 -3.48 7.02 11.18
CA GLN B 209 -2.24 7.65 10.72
C GLN B 209 -1.12 6.64 10.51
N LEU B 210 -1.00 5.70 11.45
CA LEU B 210 0.04 4.67 11.36
C LEU B 210 -0.19 3.76 10.17
N LEU B 211 -1.42 3.30 10.01
CA LEU B 211 -1.74 2.34 8.96
C LEU B 211 -1.69 2.96 7.57
N LEU B 212 -1.93 4.26 7.48
CA LEU B 212 -1.83 4.96 6.20
C LEU B 212 -0.38 5.00 5.73
N ILE B 213 0.55 5.08 6.68
CA ILE B 213 1.97 5.09 6.38
C ILE B 213 2.40 3.78 5.73
N LEU B 214 1.72 2.69 6.12
CA LEU B 214 1.99 1.37 5.56
C LEU B 214 1.73 1.33 4.06
N SER B 215 0.82 2.17 3.59
CA SER B 215 0.57 2.29 2.17
C SER B 215 1.78 2.89 1.46
N HIS B 216 2.37 3.90 2.08
CA HIS B 216 3.57 4.53 1.54
C HIS B 216 4.75 3.56 1.59
N ILE B 217 4.80 2.75 2.63
CA ILE B 217 5.82 1.71 2.75
C ILE B 217 5.74 0.75 1.58
N ARG B 218 4.52 0.32 1.27
CA ARG B 218 4.31 -0.59 0.14
C ARG B 218 4.76 0.06 -1.17
N HIS B 219 4.43 1.34 -1.33
CA HIS B 219 4.80 2.09 -2.52
C HIS B 219 6.31 2.11 -2.70
N MET B 220 7.02 2.49 -1.62
CA MET B 220 8.48 2.55 -1.65
C MET B 220 9.11 1.20 -1.97
N SER B 221 8.51 0.14 -1.43
CA SER B 221 8.99 -1.21 -1.68
C SER B 221 8.88 -1.57 -3.16
N ASN B 222 7.73 -1.29 -3.74
CA ASN B 222 7.48 -1.59 -5.14
C ASN B 222 8.43 -0.83 -6.07
N LYS B 223 8.64 0.45 -5.79
CA LYS B 223 9.56 1.26 -6.59
C LYS B 223 10.99 0.78 -6.40
N GLY B 224 11.33 0.45 -5.15
CA GLY B 224 12.66 -0.06 -4.84
C GLY B 224 12.90 -1.38 -5.53
N MET B 225 11.90 -2.25 -5.51
CA MET B 225 11.97 -3.55 -6.17
C MET B 225 12.27 -3.37 -7.65
N GLU B 226 11.56 -2.43 -8.28
CA GLU B 226 11.75 -2.13 -9.70
C GLU B 226 13.20 -1.79 -10.03
N HIS B 227 13.80 -0.93 -9.21
CA HIS B 227 15.19 -0.54 -9.44
CA HIS B 227 15.19 -0.53 -9.42
C HIS B 227 16.15 -1.70 -9.17
N LEU B 228 15.75 -2.61 -8.29
CA LEU B 228 16.60 -3.74 -7.92
C LEU B 228 16.68 -4.81 -9.02
N TYR B 229 15.55 -5.14 -9.64
CA TYR B 229 15.60 -6.09 -10.75
C TYR B 229 15.76 -5.38 -12.09
N SER B 230 16.16 -4.12 -12.04
CA SER B 230 16.57 -3.40 -13.24
C SER B 230 18.09 -3.43 -13.32
N MET B 231 18.75 -3.30 -12.17
CA MET B 231 20.21 -3.29 -12.10
C MET B 231 20.76 -4.70 -11.93
N LYS B 232 19.88 -5.65 -11.66
CA LYS B 232 20.26 -7.06 -11.62
C LYS B 232 20.66 -7.51 -13.02
N CYS B 233 19.92 -7.02 -14.01
CA CYS B 233 20.19 -7.33 -15.41
C CYS B 233 21.49 -6.68 -15.86
N LYS B 234 21.84 -5.57 -15.23
CA LYS B 234 23.12 -4.93 -15.48
C LYS B 234 24.26 -5.73 -14.85
N VAL B 237 26.06 -4.13 -9.96
CA VAL B 237 26.08 -4.71 -8.63
C VAL B 237 25.76 -6.20 -8.68
N PRO B 238 26.51 -7.00 -7.93
CA PRO B 238 26.16 -8.42 -7.77
C PRO B 238 25.07 -8.60 -6.72
N LEU B 239 24.11 -9.48 -6.99
CA LEU B 239 23.09 -9.78 -6.01
C LEU B 239 23.34 -11.16 -5.39
N SER B 240 23.20 -11.24 -4.07
CA SER B 240 23.42 -12.49 -3.36
C SER B 240 22.38 -13.52 -3.76
N ASP B 241 22.67 -14.79 -3.50
CA ASP B 241 21.81 -15.89 -3.92
C ASP B 241 20.42 -15.81 -3.28
N LEU B 242 20.34 -15.35 -2.04
CA LEU B 242 19.07 -15.23 -1.36
C LEU B 242 18.28 -14.03 -1.89
N LEU B 243 18.97 -12.90 -2.04
CA LEU B 243 18.33 -11.68 -2.54
C LEU B 243 17.75 -11.88 -3.94
N LEU B 244 18.48 -12.62 -4.77
CA LEU B 244 17.99 -12.94 -6.11
C LEU B 244 16.68 -13.71 -6.06
N GLU B 245 16.62 -14.70 -5.17
CA GLU B 245 15.41 -15.51 -5.00
C GLU B 245 14.25 -14.69 -4.45
N MET B 246 14.55 -13.81 -3.50
CA MET B 246 13.53 -12.94 -2.93
C MET B 246 13.05 -11.94 -3.99
N LEU B 247 13.98 -11.47 -4.81
CA LEU B 247 13.69 -10.52 -5.86
C LEU B 247 12.92 -11.18 -7.00
N ASP B 248 13.22 -12.45 -7.26
CA ASP B 248 12.58 -13.19 -8.33
C ASP B 248 11.10 -13.43 -8.05
N ALA B 249 10.73 -13.39 -6.78
CA ALA B 249 9.33 -13.57 -6.37
C ALA B 249 8.46 -12.47 -6.95
N HIS B 250 9.02 -11.26 -7.02
CA HIS B 250 8.37 -10.16 -7.71
C HIS B 250 8.81 -10.20 -9.19
N ARG B 251 8.34 -11.22 -9.90
CA ARG B 251 8.87 -11.58 -11.21
C ARG B 251 8.44 -10.70 -12.39
N LEU B 252 7.21 -10.18 -12.36
CA LEU B 252 6.61 -9.58 -13.55
C LEU B 252 7.30 -8.33 -14.10
N HIS B 253 7.32 -8.23 -15.42
CA HIS B 253 7.77 -7.04 -16.14
C HIS B 253 6.60 -6.09 -16.38
N HIS C 2 3.44 22.05 -20.14
CA HIS C 2 2.02 22.17 -19.84
C HIS C 2 1.35 20.81 -19.78
N LYS C 3 0.36 20.67 -18.89
CA LYS C 3 -0.36 19.42 -18.73
C LYS C 3 -1.85 19.57 -19.04
N ILE C 4 -2.46 18.47 -19.49
CA ILE C 4 -3.90 18.44 -19.69
C ILE C 4 -4.61 18.50 -18.34
N LEU C 5 -4.03 17.83 -17.35
CA LEU C 5 -4.57 17.81 -15.99
C LEU C 5 -4.62 19.22 -15.40
N HIS C 6 -3.64 20.05 -15.77
CA HIS C 6 -3.61 21.44 -15.37
C HIS C 6 -4.87 22.17 -15.81
N ARG C 7 -5.22 22.00 -17.09
CA ARG C 7 -6.36 22.66 -17.68
C ARG C 7 -7.69 22.15 -17.11
N LEU C 8 -7.80 20.83 -16.99
CA LEU C 8 -9.04 20.19 -16.56
C LEU C 8 -9.41 20.52 -15.12
N LEU C 9 -8.41 20.85 -14.31
CA LEU C 9 -8.66 21.16 -12.90
C LEU C 9 -9.16 22.59 -12.71
N GLN C 10 -9.03 23.41 -13.76
CA GLN C 10 -9.46 24.80 -13.68
C GLN C 10 -10.93 24.95 -14.11
N ASP C 11 -11.35 24.17 -15.10
CA ASP C 11 -12.71 24.25 -15.59
C ASP C 11 -13.53 23.06 -15.13
N HIS D 2 13.79 -26.58 -1.51
CA HIS D 2 13.94 -25.99 -2.85
C HIS D 2 14.73 -24.68 -2.78
N LYS D 3 14.03 -23.59 -2.50
CA LYS D 3 14.66 -22.28 -2.43
C LYS D 3 15.42 -22.09 -1.12
N ILE D 4 16.29 -21.08 -1.09
CA ILE D 4 17.08 -20.79 0.10
C ILE D 4 16.18 -20.34 1.25
N LEU D 5 15.23 -19.48 0.94
CA LEU D 5 14.24 -19.03 1.93
C LEU D 5 13.50 -20.22 2.52
N HIS D 6 13.17 -21.17 1.66
CA HIS D 6 12.48 -22.39 2.07
C HIS D 6 13.35 -23.21 3.05
N ARG D 7 14.65 -23.22 2.78
CA ARG D 7 15.58 -23.99 3.60
C ARG D 7 15.77 -23.35 4.97
N LEU D 8 15.94 -22.03 4.99
CA LEU D 8 16.18 -21.31 6.23
C LEU D 8 14.95 -21.32 7.15
N LEU D 9 13.77 -21.26 6.55
CA LEU D 9 12.53 -21.33 7.31
C LEU D 9 12.34 -22.69 7.95
N GLN D 10 13.02 -23.70 7.39
CA GLN D 10 12.87 -25.07 7.85
C GLN D 10 13.81 -25.41 9.01
N ASP D 11 15.02 -24.87 8.95
CA ASP D 11 16.11 -25.25 9.85
C ASP D 11 15.75 -25.13 11.33
N SER D 12 15.48 -26.27 11.96
CA SER D 12 15.22 -26.31 13.39
C SER D 12 16.52 -26.12 14.17
#